data_3LWU
#
_entry.id   3LWU
#
_cell.length_a   126.549
_cell.length_b   128.972
_cell.length_c   129.574
_cell.angle_alpha   90.000
_cell.angle_beta   90.000
_cell.angle_gamma   90.000
#
_symmetry.space_group_name_H-M   'F 2 2 2'
#
loop_
_entity.id
_entity.type
_entity.pdbx_description
1 polymer 'Succinylglutamate desuccinylase/aspartoacylase'
2 non-polymer 'UNKNOWN LIGAND'
3 non-polymer 'ZINC ION'
4 non-polymer 'SULFATE ION'
5 water water
#
_entity_poly.entity_id   1
_entity_poly.type   'polypeptide(L)'
_entity_poly.pdbx_seq_one_letter_code
;(MSE)GSDKIHHHHHHENLYFQG(MSE)TKAIQSSVQVGELATGQALTVPIYSF(MSE)GSENSAPSVYIQANVHGAEVQ
GNAVIYQL(MSE)TLLEGYQVLGDITLAPLANPLGINQKSGEFTLGRFDPITGVNWNREYFDHNVDIQNWYAEHQHLTNS
ELFCAYRS(MSE)LVETCQARLTHSFGISTGHRLAVNLQA(MSE)AHQADIVLDLHTGPKSCKHLYCPEYDIDAARFFSI
PYTLIIPNSFGGA(MSE)DEATFCPWWQLTEYATSQGREFSVPVSAFTLELASQERIDLADALEDAKGILAYLSHRGVIA
EKVNPAS(MSE)ERFGCYLKDYKKFHAPKAGLIEYCASVGEPLTAGKPLVNILRIDLYGSEQAYQAISLP(MSE)DCVPI
LHFASASVLQGTELYKV(MSE)TNVFPLQPS
;
_entity_poly.pdbx_strand_id   A
#
loop_
_chem_comp.id
_chem_comp.type
_chem_comp.name
_chem_comp.formula
SO4 non-polymer 'SULFATE ION' 'O4 S -2'
UNL non-polymer 'UNKNOWN LIGAND' ?
ZN non-polymer 'ZINC ION' 'Zn 2'
#
# COMPACT_ATOMS: atom_id res chain seq x y z
N MSE A 20 17.25 -6.23 24.78
CA MSE A 20 17.47 -7.55 24.13
C MSE A 20 16.34 -7.89 23.10
O MSE A 20 15.47 -8.72 23.43
CB MSE A 20 17.53 -8.64 25.21
N THR A 21 16.34 -7.26 21.90
CA THR A 21 15.33 -7.58 20.87
C THR A 21 15.27 -9.05 20.43
N LYS A 22 14.06 -9.54 20.18
CA LYS A 22 13.83 -10.89 19.63
C LYS A 22 14.16 -10.96 18.13
N ALA A 23 14.18 -9.81 17.47
CA ALA A 23 14.38 -9.74 16.03
C ALA A 23 15.79 -10.18 15.61
N ILE A 24 15.87 -11.00 14.58
CA ILE A 24 17.13 -11.26 13.88
C ILE A 24 17.23 -10.24 12.73
N GLN A 25 18.33 -9.48 12.69
CA GLN A 25 18.57 -8.42 11.68
C GLN A 25 19.45 -8.91 10.53
N SER A 26 19.03 -8.72 9.29
CA SER A 26 19.89 -9.00 8.15
C SER A 26 19.75 -7.87 7.14
N SER A 27 20.30 -8.06 5.94
CA SER A 27 20.11 -7.06 4.91
C SER A 27 20.09 -7.67 3.51
N VAL A 28 19.43 -7.00 2.58
CA VAL A 28 19.29 -7.49 1.23
C VAL A 28 19.74 -6.42 0.25
N GLN A 29 20.54 -6.81 -0.73
CA GLN A 29 21.02 -5.87 -1.74
C GLN A 29 20.04 -5.76 -2.90
N VAL A 30 19.61 -4.54 -3.19
CA VAL A 30 18.55 -4.31 -4.16
C VAL A 30 19.01 -3.58 -5.43
N GLY A 31 20.28 -3.16 -5.45
CA GLY A 31 20.86 -2.44 -6.56
C GLY A 31 22.24 -1.93 -6.20
N GLU A 32 22.80 -1.05 -7.03
CA GLU A 32 24.16 -0.58 -6.86
C GLU A 32 24.33 0.81 -7.48
N LEU A 33 25.05 1.70 -6.81
CA LEU A 33 25.29 3.06 -7.28
C LEU A 33 26.58 3.14 -8.07
N ALA A 34 26.71 4.19 -8.89
CA ALA A 34 27.85 4.40 -9.75
C ALA A 34 29.18 4.42 -8.97
N THR A 35 29.18 4.98 -7.75
CA THR A 35 30.41 4.98 -6.93
C THR A 35 30.78 3.61 -6.38
N GLY A 36 29.90 2.61 -6.57
CA GLY A 36 30.15 1.22 -6.14
C GLY A 36 29.42 0.86 -4.86
N GLN A 37 28.77 1.83 -4.25
CA GLN A 37 28.02 1.64 -3.04
C GLN A 37 26.77 0.78 -3.34
N ALA A 38 26.60 -0.24 -2.53
CA ALA A 38 25.46 -1.11 -2.54
C ALA A 38 24.23 -0.37 -2.09
N LEU A 39 23.12 -0.64 -2.75
CA LEU A 39 21.82 -0.20 -2.23
C LEU A 39 21.28 -1.37 -1.42
N THR A 40 21.12 -1.17 -0.13
CA THR A 40 20.67 -2.23 0.75
C THR A 40 19.41 -1.83 1.54
N VAL A 41 18.62 -2.86 1.88
CA VAL A 41 17.43 -2.75 2.69
C VAL A 41 17.62 -3.60 3.93
N PRO A 42 17.36 -3.04 5.13
CA PRO A 42 17.48 -3.79 6.37
C PRO A 42 16.23 -4.66 6.56
N ILE A 43 16.44 -5.89 7.00
CA ILE A 43 15.40 -6.88 7.20
C ILE A 43 15.47 -7.33 8.68
N TYR A 44 14.30 -7.34 9.32
CA TYR A 44 14.12 -7.77 10.69
C TYR A 44 13.12 -8.91 10.64
N SER A 45 13.45 -9.97 11.35
CA SER A 45 12.60 -11.15 11.36
C SER A 45 12.27 -11.57 12.78
N PHE A 46 10.98 -11.65 13.12
CA PHE A 46 10.54 -12.26 14.37
C PHE A 46 10.10 -13.67 14.04
N MSE A 47 10.85 -14.65 14.46
CA MSE A 47 10.56 -16.06 14.15
C MSE A 47 9.31 -16.48 14.83
O MSE A 47 9.17 -16.23 15.99
CB MSE A 47 11.59 -16.97 14.78
CG MSE A 47 12.75 -17.31 13.94
SE MSE A 47 13.68 -18.65 15.04
CE MSE A 47 15.40 -17.75 14.65
N GLY A 48 8.43 -17.18 14.11
CA GLY A 48 7.27 -17.76 14.74
C GLY A 48 7.63 -19.05 15.47
N SER A 49 6.96 -19.30 16.60
CA SER A 49 7.16 -20.52 17.40
C SER A 49 6.30 -21.71 16.95
N GLU A 50 5.34 -21.47 16.06
CA GLU A 50 4.46 -22.53 15.51
C GLU A 50 4.61 -22.59 14.00
N ASN A 51 5.04 -23.72 13.46
CA ASN A 51 5.10 -23.87 11.98
C ASN A 51 3.66 -23.81 11.38
N SER A 52 2.67 -23.99 12.26
CA SER A 52 1.24 -23.83 11.93
C SER A 52 0.80 -22.41 11.44
N ALA A 53 1.46 -21.36 11.93
CA ALA A 53 0.84 -20.04 11.87
C ALA A 53 1.15 -19.32 10.55
N PRO A 54 0.20 -18.53 10.09
CA PRO A 54 0.43 -17.67 8.94
C PRO A 54 1.63 -16.73 9.13
N SER A 55 2.40 -16.50 8.07
CA SER A 55 3.53 -15.61 8.09
C SER A 55 3.16 -14.30 7.43
N VAL A 56 3.96 -13.29 7.75
CA VAL A 56 3.68 -11.92 7.38
C VAL A 56 4.92 -11.24 6.84
N TYR A 57 4.71 -10.43 5.81
CA TYR A 57 5.78 -9.58 5.24
C TYR A 57 5.26 -8.17 5.23
N ILE A 58 6.00 -7.27 5.86
CA ILE A 58 5.60 -5.88 6.00
C ILE A 58 6.72 -5.02 5.48
N GLN A 59 6.45 -4.10 4.55
CA GLN A 59 7.46 -3.20 4.02
C GLN A 59 6.95 -1.76 4.06
N ALA A 60 7.87 -0.81 4.13
CA ALA A 60 7.55 0.61 4.07
C ALA A 60 8.43 1.35 3.11
N ASN A 61 7.94 2.48 2.59
CA ASN A 61 8.79 3.59 2.08
C ASN A 61 9.37 3.29 0.71
N VAL A 62 8.67 2.46 -0.08
CA VAL A 62 9.03 2.26 -1.47
C VAL A 62 8.93 3.57 -2.26
N HIS A 63 7.94 4.36 -1.91
CA HIS A 63 7.86 5.75 -2.36
C HIS A 63 8.65 6.53 -1.34
N GLY A 64 9.72 7.21 -1.74
CA GLY A 64 10.71 7.67 -0.78
C GLY A 64 10.31 8.79 0.15
N ALA A 65 9.29 9.57 -0.23
CA ALA A 65 8.76 10.63 0.61
C ALA A 65 7.84 10.11 1.68
N GLU A 66 7.39 8.87 1.51
CA GLU A 66 6.37 8.28 2.34
C GLU A 66 7.00 7.60 3.54
N VAL A 67 7.53 8.41 4.45
CA VAL A 67 8.41 7.94 5.51
C VAL A 67 7.68 7.42 6.76
N GLN A 68 6.37 7.71 6.92
CA GLN A 68 5.66 7.37 8.19
C GLN A 68 5.64 5.86 8.46
N GLY A 69 5.62 5.05 7.40
CA GLY A 69 5.69 3.59 7.54
C GLY A 69 6.87 3.06 8.35
N ASN A 70 7.99 3.79 8.31
CA ASN A 70 9.13 3.44 9.14
C ASN A 70 8.84 3.60 10.64
N ALA A 71 8.12 4.65 11.02
CA ALA A 71 7.69 4.87 12.39
C ALA A 71 6.67 3.77 12.79
N VAL A 72 5.81 3.37 11.88
CA VAL A 72 4.87 2.27 12.13
C VAL A 72 5.62 0.94 12.40
N ILE A 73 6.61 0.65 11.58
CA ILE A 73 7.42 -0.52 11.79
C ILE A 73 8.14 -0.46 13.15
N TYR A 74 8.68 0.71 13.48
CA TYR A 74 9.34 0.88 14.78
C TYR A 74 8.38 0.60 15.92
N GLN A 75 7.16 1.14 15.87
CA GLN A 75 6.18 0.92 16.96
C GLN A 75 5.72 -0.50 16.97
N LEU A 76 5.55 -1.07 15.78
CA LEU A 76 5.11 -2.46 15.68
C LEU A 76 6.15 -3.40 16.30
N MSE A 77 7.41 -3.22 15.96
CA MSE A 77 8.44 -4.11 16.48
C MSE A 77 8.59 -3.97 18.01
O MSE A 77 8.73 -4.96 18.71
CB MSE A 77 9.75 -3.87 15.76
CG MSE A 77 9.69 -4.32 14.30
SE MSE A 77 11.46 -4.30 13.43
CE MSE A 77 12.03 -2.47 13.72
N THR A 78 8.50 -2.73 18.50
CA THR A 78 8.54 -2.43 19.95
C THR A 78 7.42 -3.19 20.65
N LEU A 79 6.22 -3.19 20.07
CA LEU A 79 5.10 -3.93 20.64
C LEU A 79 5.37 -5.42 20.57
N LEU A 80 5.85 -5.89 19.42
CA LEU A 80 6.08 -7.31 19.26
C LEU A 80 7.09 -7.91 20.26
N GLU A 81 7.98 -7.09 20.83
CA GLU A 81 8.90 -7.60 21.85
C GLU A 81 8.13 -8.20 23.02
N GLY A 82 6.90 -7.74 23.25
CA GLY A 82 6.03 -8.24 24.34
C GLY A 82 4.87 -9.16 23.97
N TYR A 83 4.71 -9.53 22.70
CA TYR A 83 3.67 -10.47 22.27
C TYR A 83 4.34 -11.76 21.86
N GLN A 84 3.63 -12.88 22.00
CA GLN A 84 4.14 -14.15 21.54
C GLN A 84 3.85 -14.33 20.05
N VAL A 85 4.92 -14.41 19.25
CA VAL A 85 4.82 -14.50 17.82
C VAL A 85 4.71 -15.97 17.42
N LEU A 86 3.58 -16.32 16.82
CA LEU A 86 3.33 -17.70 16.40
C LEU A 86 3.80 -17.92 14.96
N GLY A 87 3.58 -16.93 14.10
CA GLY A 87 4.01 -17.04 12.72
C GLY A 87 5.12 -16.08 12.39
N ASP A 88 5.95 -16.43 11.42
CA ASP A 88 7.08 -15.55 11.06
C ASP A 88 6.57 -14.16 10.67
N ILE A 89 7.27 -13.12 11.13
CA ILE A 89 7.02 -11.74 10.73
C ILE A 89 8.30 -11.16 10.25
N THR A 90 8.27 -10.72 9.00
CA THR A 90 9.42 -10.14 8.34
C THR A 90 9.10 -8.68 8.02
N LEU A 91 9.99 -7.77 8.43
CA LEU A 91 9.73 -6.36 8.24
C LEU A 91 10.88 -5.76 7.42
N ALA A 92 10.53 -4.97 6.41
CA ALA A 92 11.49 -4.33 5.52
C ALA A 92 11.22 -2.83 5.51
N PRO A 93 11.72 -2.11 6.54
CA PRO A 93 11.59 -0.67 6.45
C PRO A 93 12.62 -0.10 5.48
N LEU A 94 12.49 1.18 5.14
CA LEU A 94 13.49 1.83 4.26
C LEU A 94 13.72 0.99 3.01
N ALA A 95 12.64 0.57 2.34
CA ALA A 95 12.74 -0.45 1.31
C ALA A 95 13.21 0.07 -0.04
N ASN A 96 13.34 1.39 -0.21
CA ASN A 96 13.83 1.93 -1.46
C ASN A 96 14.85 3.00 -1.19
N PRO A 97 16.07 2.60 -0.80
CA PRO A 97 17.07 3.61 -0.42
C PRO A 97 17.34 4.64 -1.50
N LEU A 98 17.30 4.24 -2.77
CA LEU A 98 17.56 5.20 -3.87
C LEU A 98 16.52 6.31 -3.83
N GLY A 99 15.25 5.94 -3.73
CA GLY A 99 14.17 6.91 -3.68
C GLY A 99 14.18 7.74 -2.40
N ILE A 100 14.46 7.11 -1.28
CA ILE A 100 14.40 7.79 0.04
C ILE A 100 15.45 8.87 0.13
N ASN A 101 16.61 8.59 -0.48
CA ASN A 101 17.76 9.50 -0.45
C ASN A 101 17.77 10.53 -1.59
N GLN A 102 16.74 10.55 -2.40
CA GLN A 102 16.69 11.46 -3.54
C GLN A 102 16.05 12.80 -3.17
N LYS A 103 16.88 13.83 -3.01
CA LYS A 103 16.35 15.16 -2.66
C LYS A 103 16.27 16.08 -3.88
N SER A 104 15.31 16.99 -3.87
CA SER A 104 15.20 18.07 -4.86
C SER A 104 14.64 19.26 -4.13
N GLY A 105 15.45 20.25 -3.84
CA GLY A 105 15.03 21.23 -2.86
C GLY A 105 14.83 20.57 -1.50
N GLU A 106 13.89 21.09 -0.74
CA GLU A 106 13.57 20.61 0.61
CA GLU A 106 13.60 20.62 0.60
C GLU A 106 12.48 19.57 0.50
N PHE A 107 12.65 18.61 -0.39
CA PHE A 107 11.57 17.68 -0.67
C PHE A 107 12.20 16.40 -1.24
N THR A 108 11.62 15.26 -0.86
CA THR A 108 12.08 13.98 -1.32
C THR A 108 11.42 13.65 -2.65
N LEU A 109 12.22 13.62 -3.71
CA LEU A 109 11.74 13.22 -5.01
C LEU A 109 11.79 11.70 -5.06
N GLY A 110 10.86 11.07 -4.36
CA GLY A 110 10.93 9.65 -4.09
C GLY A 110 9.96 8.76 -4.79
N ARG A 111 9.12 9.34 -5.64
CA ARG A 111 8.02 8.60 -6.22
C ARG A 111 8.40 7.76 -7.44
N PHE A 112 9.36 8.26 -8.21
CA PHE A 112 9.72 7.62 -9.44
C PHE A 112 11.21 7.67 -9.71
N ASP A 113 11.68 6.78 -10.57
CA ASP A 113 13.05 6.80 -11.03
C ASP A 113 13.35 8.20 -11.61
N PRO A 114 14.36 8.90 -11.07
CA PRO A 114 14.63 10.26 -11.52
C PRO A 114 15.16 10.27 -12.93
N ILE A 115 15.65 9.14 -13.42
CA ILE A 115 16.15 9.06 -14.78
C ILE A 115 15.02 8.86 -15.80
N THR A 116 14.11 7.93 -15.55
CA THR A 116 13.12 7.51 -16.53
C THR A 116 11.68 8.01 -16.24
N GLY A 117 11.41 8.38 -15.00
CA GLY A 117 10.07 8.80 -14.62
C GLY A 117 9.16 7.66 -14.19
N VAL A 118 9.68 6.41 -14.26
CA VAL A 118 8.83 5.27 -13.91
C VAL A 118 8.60 5.17 -12.40
N ASN A 119 7.32 5.10 -12.05
CA ASN A 119 6.81 5.01 -10.71
C ASN A 119 7.32 3.70 -10.06
N TRP A 120 7.98 3.80 -8.91
CA TRP A 120 8.57 2.64 -8.31
C TRP A 120 7.50 1.61 -7.98
N ASN A 121 6.30 2.07 -7.63
CA ASN A 121 5.20 1.17 -7.31
C ASN A 121 4.43 0.63 -8.51
N ARG A 122 4.98 0.79 -9.72
CA ARG A 122 4.38 0.24 -10.94
C ARG A 122 5.36 -0.74 -11.60
N GLU A 123 6.35 -1.20 -10.86
CA GLU A 123 7.45 -1.95 -11.37
C GLU A 123 7.40 -3.43 -10.99
N TYR A 124 6.34 -3.87 -10.30
CA TYR A 124 6.28 -5.26 -9.83
C TYR A 124 5.99 -6.22 -10.99
N PHE A 125 6.26 -7.48 -10.77
CA PHE A 125 6.21 -8.49 -11.83
C PHE A 125 4.88 -9.26 -11.85
N ASP A 126 4.25 -9.27 -13.02
CA ASP A 126 3.04 -10.06 -13.32
C ASP A 126 3.48 -11.39 -13.92
N HIS A 127 3.17 -12.49 -13.23
CA HIS A 127 3.66 -13.80 -13.66
C HIS A 127 3.00 -14.36 -14.93
N ASN A 128 1.80 -13.87 -15.28
CA ASN A 128 1.05 -14.41 -16.45
C ASN A 128 1.02 -15.95 -16.44
N VAL A 129 0.62 -16.52 -15.31
CA VAL A 129 0.64 -17.98 -15.12
C VAL A 129 -0.35 -18.62 -16.07
N ASP A 130 0.06 -19.66 -16.81
CA ASP A 130 -0.90 -20.42 -17.58
C ASP A 130 -1.63 -21.31 -16.58
N ILE A 131 -2.80 -20.84 -16.15
CA ILE A 131 -3.41 -21.35 -14.94
C ILE A 131 -4.06 -22.69 -15.18
N GLN A 132 -4.68 -22.86 -16.35
CA GLN A 132 -5.29 -24.15 -16.73
C GLN A 132 -4.24 -25.25 -16.73
N ASN A 133 -3.08 -24.95 -17.31
CA ASN A 133 -2.00 -25.91 -17.42
C ASN A 133 -1.34 -26.23 -16.09
N TRP A 134 -1.01 -25.18 -15.32
CA TRP A 134 -0.32 -25.35 -14.06
C TRP A 134 -1.18 -26.21 -13.13
N TYR A 135 -2.48 -25.89 -13.10
CA TYR A 135 -3.47 -26.59 -12.25
C TYR A 135 -3.63 -28.04 -12.63
N ALA A 136 -3.66 -28.31 -13.95
CA ALA A 136 -3.72 -29.69 -14.47
C ALA A 136 -2.52 -30.52 -13.99
N GLU A 137 -1.33 -29.91 -13.94
CA GLU A 137 -0.11 -30.61 -13.49
C GLU A 137 -0.03 -30.82 -11.97
N HIS A 138 -0.86 -30.11 -11.22
CA HIS A 138 -0.75 -30.14 -9.75
C HIS A 138 -2.06 -30.41 -9.00
N GLN A 139 -3.15 -30.70 -9.72
CA GLN A 139 -4.49 -30.93 -9.12
C GLN A 139 -4.53 -32.09 -8.12
N HIS A 140 -3.69 -33.10 -8.36
CA HIS A 140 -3.62 -34.30 -7.49
C HIS A 140 -3.14 -34.00 -6.06
N LEU A 141 -2.43 -32.89 -5.89
CA LEU A 141 -1.95 -32.46 -4.57
C LEU A 141 -3.11 -32.04 -3.65
N THR A 142 -2.96 -32.19 -2.33
CA THR A 142 -3.92 -31.61 -1.39
C THR A 142 -3.94 -30.10 -1.50
N ASN A 143 -4.96 -29.46 -0.94
CA ASN A 143 -4.96 -27.98 -0.91
C ASN A 143 -3.66 -27.37 -0.33
N SER A 144 -3.15 -27.92 0.77
CA SER A 144 -1.92 -27.36 1.38
C SER A 144 -0.69 -27.56 0.52
N GLU A 145 -0.59 -28.75 -0.10
CA GLU A 145 0.56 -29.04 -0.96
C GLU A 145 0.49 -28.21 -2.20
N LEU A 146 -0.72 -28.03 -2.73
CA LEU A 146 -0.90 -27.23 -3.93
C LEU A 146 -0.44 -25.79 -3.68
N PHE A 147 -0.90 -25.22 -2.56
CA PHE A 147 -0.46 -23.88 -2.18
C PHE A 147 1.06 -23.79 -2.01
N CYS A 148 1.69 -24.79 -1.41
CA CYS A 148 3.15 -24.82 -1.26
CA CYS A 148 3.14 -24.79 -1.25
C CYS A 148 3.86 -24.85 -2.61
N ALA A 149 3.41 -25.71 -3.53
CA ALA A 149 4.02 -25.75 -4.88
C ALA A 149 3.88 -24.42 -5.61
N TYR A 150 2.68 -23.85 -5.53
CA TYR A 150 2.38 -22.59 -6.19
C TYR A 150 3.24 -21.46 -5.67
N ARG A 151 3.49 -21.42 -4.37
CA ARG A 151 4.34 -20.40 -3.76
C ARG A 151 5.79 -20.57 -4.21
N SER A 152 6.30 -21.80 -4.23
CA SER A 152 7.67 -22.04 -4.76
C SER A 152 7.83 -21.51 -6.16
N MSE A 153 6.80 -21.69 -7.00
CA MSE A 153 6.85 -21.25 -8.38
C MSE A 153 6.88 -19.75 -8.46
O MSE A 153 7.67 -19.19 -9.23
CB MSE A 153 5.68 -21.80 -9.20
CG MSE A 153 5.67 -21.28 -10.64
SE MSE A 153 4.60 -19.70 -10.88
CE MSE A 153 2.84 -20.46 -10.39
N LEU A 154 6.02 -19.08 -7.67
CA LEU A 154 6.00 -17.61 -7.65
C LEU A 154 7.36 -17.05 -7.18
N VAL A 155 7.98 -17.62 -6.15
CA VAL A 155 9.31 -17.18 -5.73
C VAL A 155 10.36 -17.40 -6.83
N GLU A 156 10.43 -18.58 -7.42
CA GLU A 156 11.50 -18.89 -8.40
C GLU A 156 11.43 -18.07 -9.68
N THR A 157 10.22 -17.87 -10.20
CA THR A 157 10.03 -17.16 -11.47
C THR A 157 10.33 -15.68 -11.26
N CYS A 158 10.06 -15.21 -10.05
CA CYS A 158 10.44 -13.87 -9.67
C CYS A 158 11.96 -13.69 -9.62
N GLN A 159 12.62 -14.59 -8.89
CA GLN A 159 14.09 -14.62 -8.83
C GLN A 159 14.76 -14.77 -10.21
N ALA A 160 14.12 -15.52 -11.10
CA ALA A 160 14.63 -15.71 -12.45
C ALA A 160 14.74 -14.40 -13.23
N ARG A 161 13.87 -13.43 -12.94
CA ARG A 161 13.92 -12.14 -13.62
C ARG A 161 15.27 -11.44 -13.37
N LEU A 162 15.94 -11.79 -12.27
CA LEU A 162 17.21 -11.15 -11.93
C LEU A 162 18.40 -11.53 -12.81
N THR A 163 18.26 -12.53 -13.65
CA THR A 163 19.39 -13.01 -14.43
C THR A 163 19.07 -13.07 -15.93
N HIS A 164 18.10 -12.29 -16.40
CA HIS A 164 17.88 -12.12 -17.85
C HIS A 164 19.16 -11.48 -18.46
N SER A 165 19.56 -11.92 -19.66
CA SER A 165 20.92 -11.66 -20.15
C SER A 165 21.18 -10.19 -20.61
N PHE A 166 20.12 -9.50 -21.06
CA PHE A 166 20.15 -8.04 -21.29
C PHE A 166 19.75 -7.20 -20.05
N GLY A 167 19.57 -7.88 -18.93
CA GLY A 167 19.27 -7.26 -17.68
C GLY A 167 17.83 -6.75 -17.55
N ILE A 168 17.59 -6.08 -16.45
CA ILE A 168 16.31 -5.44 -16.21
C ILE A 168 16.59 -4.09 -15.63
N SER A 169 15.60 -3.22 -15.64
CA SER A 169 15.74 -1.84 -15.13
C SER A 169 16.07 -1.77 -13.65
N THR A 170 16.55 -0.62 -13.20
CA THR A 170 16.89 -0.38 -11.80
C THR A 170 15.64 -0.62 -10.96
N GLY A 171 14.52 -0.05 -11.41
CA GLY A 171 13.23 -0.17 -10.70
C GLY A 171 12.68 -1.58 -10.69
N HIS A 172 12.78 -2.30 -11.80
CA HIS A 172 12.36 -3.71 -11.83
C HIS A 172 13.23 -4.58 -10.88
N ARG A 173 14.52 -4.30 -10.81
CA ARG A 173 15.37 -5.08 -9.90
C ARG A 173 14.97 -4.87 -8.43
N LEU A 174 14.78 -3.62 -8.05
CA LEU A 174 14.25 -3.31 -6.72
C LEU A 174 12.94 -4.10 -6.47
N ALA A 175 11.99 -3.97 -7.38
CA ALA A 175 10.64 -4.49 -7.19
C ALA A 175 10.68 -6.00 -7.06
N VAL A 176 11.43 -6.66 -7.95
CA VAL A 176 11.59 -8.09 -7.93
C VAL A 176 12.18 -8.62 -6.60
N ASN A 177 13.22 -7.95 -6.08
CA ASN A 177 13.84 -8.39 -4.83
C ASN A 177 12.84 -8.31 -3.67
N LEU A 178 12.04 -7.25 -3.66
CA LEU A 178 11.01 -7.11 -2.61
C LEU A 178 9.92 -8.17 -2.77
N GLN A 179 9.52 -8.42 -4.01
CA GLN A 179 8.41 -9.28 -4.33
C GLN A 179 8.75 -10.73 -3.97
N ALA A 180 10.01 -11.10 -4.22
CA ALA A 180 10.51 -12.46 -3.90
C ALA A 180 10.30 -12.76 -2.44
N MSE A 181 10.55 -11.78 -1.56
CA MSE A 181 10.26 -11.94 -0.13
C MSE A 181 8.75 -11.93 0.16
O MSE A 181 8.26 -12.77 0.93
CB MSE A 181 10.95 -10.86 0.70
CG MSE A 181 12.44 -11.01 0.79
SE MSE A 181 13.23 -9.57 1.90
CE MSE A 181 12.90 -8.10 0.66
N ALA A 182 8.00 -11.03 -0.48
CA ALA A 182 6.57 -10.91 -0.23
C ALA A 182 5.84 -12.22 -0.58
N HIS A 183 6.30 -12.87 -1.64
CA HIS A 183 5.68 -14.12 -2.11
C HIS A 183 5.78 -15.27 -1.07
N GLN A 184 6.76 -15.21 -0.18
CA GLN A 184 6.97 -16.22 0.82
C GLN A 184 5.93 -16.13 1.91
N ALA A 185 5.24 -14.99 2.06
CA ALA A 185 4.36 -14.73 3.19
C ALA A 185 2.87 -15.02 2.90
N ASP A 186 2.09 -15.29 3.94
CA ASP A 186 0.64 -15.49 3.79
C ASP A 186 -0.12 -14.16 3.79
N ILE A 187 0.50 -13.16 4.37
CA ILE A 187 -0.08 -11.85 4.59
C ILE A 187 0.98 -10.84 4.22
N VAL A 188 0.62 -9.91 3.34
CA VAL A 188 1.55 -8.89 2.86
C VAL A 188 0.95 -7.52 3.17
N LEU A 189 1.71 -6.66 3.85
CA LEU A 189 1.30 -5.30 4.13
C LEU A 189 2.34 -4.38 3.53
N ASP A 190 1.89 -3.55 2.57
CA ASP A 190 2.74 -2.54 1.94
C ASP A 190 2.31 -1.20 2.51
N LEU A 191 3.20 -0.57 3.26
CA LEU A 191 2.90 0.66 3.96
C LEU A 191 3.35 1.90 3.20
N HIS A 192 2.36 2.72 2.87
CA HIS A 192 2.52 3.93 2.10
C HIS A 192 1.93 5.13 2.87
N THR A 193 2.09 6.34 2.32
CA THR A 193 1.32 7.50 2.75
C THR A 193 0.77 8.19 1.51
N GLY A 194 -0.21 9.05 1.69
CA GLY A 194 -0.65 9.92 0.62
C GLY A 194 0.15 11.19 0.72
N PRO A 195 -0.24 12.21 -0.04
CA PRO A 195 0.51 13.49 0.01
C PRO A 195 0.09 14.33 1.23
N LYS A 196 -0.92 15.17 1.12
CA LYS A 196 -1.61 15.70 2.28
C LYS A 196 -2.87 14.89 2.31
N SER A 197 -2.96 14.02 3.31
CA SER A 197 -3.85 12.88 3.21
C SER A 197 -4.32 12.37 4.54
N CYS A 198 -5.53 11.82 4.56
CA CYS A 198 -6.05 11.14 5.74
C CYS A 198 -5.69 9.63 5.61
N LYS A 199 -6.03 8.83 6.62
CA LYS A 199 -5.67 7.43 6.58
C LYS A 199 -6.67 6.71 5.73
N HIS A 200 -6.18 5.89 4.80
CA HIS A 200 -7.05 5.06 4.01
C HIS A 200 -6.39 3.72 3.64
N LEU A 201 -7.14 2.78 3.12
CA LEU A 201 -6.64 1.43 2.85
C LEU A 201 -7.07 0.92 1.47
N TYR A 202 -6.21 0.19 0.79
CA TYR A 202 -6.57 -0.48 -0.45
C TYR A 202 -6.75 -1.94 -0.09
N CYS A 203 -7.94 -2.48 -0.34
CA CYS A 203 -8.30 -3.85 0.09
C CYS A 203 -8.96 -4.59 -1.04
N PRO A 204 -8.43 -5.74 -1.45
CA PRO A 204 -9.20 -6.47 -2.45
C PRO A 204 -10.59 -6.92 -2.01
N GLU A 205 -11.47 -7.00 -3.00
CA GLU A 205 -12.88 -7.34 -2.82
C GLU A 205 -13.05 -8.58 -1.96
N TYR A 206 -12.26 -9.62 -2.26
CA TYR A 206 -12.41 -10.89 -1.56
C TYR A 206 -12.07 -10.82 -0.08
N ASP A 207 -11.43 -9.75 0.37
CA ASP A 207 -10.91 -9.66 1.73
C ASP A 207 -11.44 -8.45 2.47
N ILE A 208 -12.62 -7.98 2.08
CA ILE A 208 -13.19 -6.78 2.65
C ILE A 208 -13.39 -6.94 4.16
N ASP A 209 -13.67 -8.17 4.58
CA ASP A 209 -13.78 -8.57 5.99
CA ASP A 209 -13.84 -8.44 6.01
C ASP A 209 -12.60 -8.09 6.84
N ALA A 210 -11.41 -8.16 6.26
CA ALA A 210 -10.22 -7.76 6.98
C ALA A 210 -10.18 -6.25 7.31
N ALA A 211 -10.87 -5.42 6.52
CA ALA A 211 -10.76 -3.97 6.68
C ALA A 211 -11.16 -3.50 8.07
N ARG A 212 -12.09 -4.18 8.72
CA ARG A 212 -12.55 -3.73 10.04
C ARG A 212 -11.53 -3.88 11.20
N PHE A 213 -10.39 -4.55 10.93
CA PHE A 213 -9.39 -4.78 11.98
C PHE A 213 -8.35 -3.69 12.04
N PHE A 214 -8.06 -3.08 10.90
CA PHE A 214 -7.14 -1.99 10.86
C PHE A 214 -7.80 -0.76 11.43
N SER A 215 -6.99 0.24 11.79
CA SER A 215 -7.52 1.47 12.42
C SER A 215 -7.62 2.54 11.33
N ILE A 216 -8.40 2.23 10.29
CA ILE A 216 -8.39 3.03 9.08
C ILE A 216 -9.82 3.41 8.70
N PRO A 217 -10.13 4.72 8.72
CA PRO A 217 -11.53 5.09 8.49
C PRO A 217 -12.05 4.81 7.08
N TYR A 218 -11.20 4.90 6.06
CA TYR A 218 -11.66 4.77 4.69
C TYR A 218 -10.90 3.71 3.93
N THR A 219 -11.67 2.78 3.35
CA THR A 219 -11.16 1.67 2.55
C THR A 219 -11.66 1.74 1.09
N LEU A 220 -10.73 1.57 0.16
CA LEU A 220 -11.02 1.40 -1.25
C LEU A 220 -11.04 -0.09 -1.58
N ILE A 221 -12.14 -0.56 -2.14
CA ILE A 221 -12.33 -1.96 -2.45
C ILE A 221 -11.88 -2.15 -3.87
N ILE A 222 -10.81 -2.89 -4.08
CA ILE A 222 -10.22 -3.04 -5.40
C ILE A 222 -10.57 -4.41 -6.04
N PRO A 223 -10.70 -4.45 -7.38
CA PRO A 223 -10.97 -5.71 -8.06
C PRO A 223 -9.71 -6.55 -8.30
N ASN A 224 -9.89 -7.65 -9.01
CA ASN A 224 -8.85 -8.58 -9.40
C ASN A 224 -8.18 -8.10 -10.67
N SER A 225 -7.14 -7.29 -10.53
CA SER A 225 -6.62 -6.58 -11.66
C SER A 225 -5.18 -6.22 -11.38
N PHE A 226 -4.28 -6.52 -12.33
CA PHE A 226 -2.85 -6.22 -12.18
C PHE A 226 -2.47 -4.87 -12.84
N GLY A 227 -2.01 -3.92 -12.03
CA GLY A 227 -1.60 -2.59 -12.54
C GLY A 227 -0.18 -2.24 -12.13
N GLY A 228 0.60 -3.26 -11.77
CA GLY A 228 2.02 -3.08 -11.46
C GLY A 228 2.39 -2.87 -9.99
N ALA A 229 1.40 -2.87 -9.07
CA ALA A 229 1.63 -2.57 -7.61
C ALA A 229 1.87 -3.83 -6.78
N MSE A 230 2.56 -3.66 -5.64
CA MSE A 230 2.95 -4.77 -4.74
C MSE A 230 1.75 -5.59 -4.28
O MSE A 230 1.81 -6.83 -4.30
CB MSE A 230 3.72 -4.29 -3.49
CG MSE A 230 3.84 -5.34 -2.35
SE MSE A 230 4.95 -6.86 -2.95
CE MSE A 230 6.68 -6.23 -2.20
N ASP A 231 0.67 -4.91 -3.88
CA ASP A 231 -0.49 -5.65 -3.41
C ASP A 231 -1.02 -6.58 -4.51
N GLU A 232 -1.24 -6.04 -5.71
CA GLU A 232 -1.72 -6.81 -6.88
C GLU A 232 -0.77 -7.91 -7.34
N ALA A 233 0.53 -7.62 -7.34
CA ALA A 233 1.55 -8.63 -7.69
C ALA A 233 1.49 -9.86 -6.75
N THR A 234 1.13 -9.58 -5.51
CA THR A 234 1.07 -10.55 -4.43
C THR A 234 -0.24 -11.36 -4.47
N PHE A 235 -1.39 -10.70 -4.62
CA PHE A 235 -2.70 -11.38 -4.54
C PHE A 235 -3.26 -11.91 -5.85
N CYS A 236 -2.95 -11.25 -6.97
CA CYS A 236 -3.58 -11.63 -8.24
C CYS A 236 -3.38 -13.09 -8.60
N PRO A 237 -2.12 -13.59 -8.54
CA PRO A 237 -1.96 -15.00 -8.93
C PRO A 237 -2.76 -15.91 -8.06
N TRP A 238 -2.85 -15.60 -6.76
CA TRP A 238 -3.64 -16.44 -5.86
C TRP A 238 -5.14 -16.32 -6.14
N TRP A 239 -5.60 -15.10 -6.44
CA TRP A 239 -7.02 -14.86 -6.79
C TRP A 239 -7.37 -15.65 -8.04
N GLN A 240 -6.49 -15.57 -9.04
CA GLN A 240 -6.66 -16.31 -10.29
C GLN A 240 -6.76 -17.80 -10.04
N LEU A 241 -5.84 -18.35 -9.23
CA LEU A 241 -5.81 -19.79 -8.95
C LEU A 241 -7.12 -20.21 -8.30
N THR A 242 -7.56 -19.45 -7.31
CA THR A 242 -8.79 -19.76 -6.59
C THR A 242 -10.06 -19.74 -7.48
N GLU A 243 -10.25 -18.66 -8.24
CA GLU A 243 -11.40 -18.58 -9.16
C GLU A 243 -11.33 -19.74 -10.14
N TYR A 244 -10.14 -20.03 -10.66
CA TYR A 244 -10.03 -21.19 -11.55
C TYR A 244 -10.39 -22.49 -10.83
N ALA A 245 -9.79 -22.77 -9.68
CA ALA A 245 -10.12 -24.02 -8.96
C ALA A 245 -11.63 -24.15 -8.69
N THR A 246 -12.26 -23.07 -8.22
CA THR A 246 -13.72 -23.01 -8.05
C THR A 246 -14.49 -23.39 -9.34
N SER A 247 -13.96 -23.01 -10.51
CA SER A 247 -14.58 -23.42 -11.79
C SER A 247 -14.40 -24.90 -12.11
N GLN A 248 -13.52 -25.59 -11.37
CA GLN A 248 -13.41 -27.06 -11.46
C GLN A 248 -14.04 -27.72 -10.25
N GLY A 249 -14.93 -27.00 -9.58
CA GLY A 249 -15.65 -27.54 -8.43
C GLY A 249 -14.79 -27.70 -7.18
N ARG A 250 -13.61 -27.10 -7.17
CA ARG A 250 -12.72 -27.16 -5.99
C ARG A 250 -12.74 -25.80 -5.28
N GLU A 251 -13.56 -25.71 -4.23
CA GLU A 251 -13.78 -24.47 -3.50
C GLU A 251 -12.82 -24.37 -2.30
N PHE A 252 -12.13 -23.23 -2.20
CA PHE A 252 -11.39 -22.81 -1.00
C PHE A 252 -11.24 -21.30 -1.08
N SER A 253 -10.90 -20.67 0.04
CA SER A 253 -10.77 -19.20 0.02
C SER A 253 -9.34 -18.80 -0.37
N VAL A 254 -9.20 -17.58 -0.88
CA VAL A 254 -7.92 -17.15 -1.41
C VAL A 254 -6.88 -17.30 -0.28
N PRO A 255 -5.81 -18.08 -0.50
CA PRO A 255 -4.84 -18.38 0.57
C PRO A 255 -3.95 -17.21 0.99
N VAL A 256 -3.87 -16.15 0.20
CA VAL A 256 -3.02 -15.01 0.55
C VAL A 256 -3.89 -13.78 0.71
N SER A 257 -3.47 -12.92 1.64
CA SER A 257 -4.06 -11.62 1.86
C SER A 257 -3.00 -10.57 1.58
N ALA A 258 -3.34 -9.51 0.84
CA ALA A 258 -2.43 -8.35 0.63
C ALA A 258 -3.20 -7.04 0.75
N PHE A 259 -2.59 -6.07 1.42
CA PHE A 259 -3.20 -4.74 1.64
C PHE A 259 -2.16 -3.65 1.47
N THR A 260 -2.56 -2.51 0.91
CA THR A 260 -1.72 -1.29 0.90
C THR A 260 -2.36 -0.31 1.88
N LEU A 261 -1.60 0.03 2.93
CA LEU A 261 -2.05 1.00 3.91
C LEU A 261 -1.52 2.39 3.55
N GLU A 262 -2.37 3.39 3.62
CA GLU A 262 -1.98 4.78 3.34
C GLU A 262 -2.06 5.57 4.65
N LEU A 263 -0.92 5.75 5.28
CA LEU A 263 -0.84 6.24 6.65
C LEU A 263 -0.68 7.77 6.72
N ALA A 264 -1.75 8.47 6.34
CA ALA A 264 -1.81 9.94 6.39
C ALA A 264 -0.79 10.56 5.47
N SER A 265 -0.10 11.63 5.87
CA SER A 265 0.67 12.44 4.94
C SER A 265 2.14 12.03 4.80
N GLN A 266 2.67 12.27 3.62
CA GLN A 266 4.10 12.14 3.34
C GLN A 266 4.95 13.16 4.07
N GLU A 267 6.26 12.99 4.01
CA GLU A 267 7.22 13.92 4.59
C GLU A 267 6.95 14.20 6.04
N ARG A 268 6.52 13.17 6.76
CA ARG A 268 6.11 13.34 8.14
C ARG A 268 6.41 12.07 8.92
N ILE A 269 6.92 12.24 10.14
CA ILE A 269 7.11 11.18 11.11
C ILE A 269 6.35 11.65 12.35
N ASP A 270 5.43 10.82 12.83
CA ASP A 270 4.70 11.09 14.05
C ASP A 270 4.54 9.76 14.82
N LEU A 271 5.29 9.63 15.91
CA LEU A 271 5.41 8.36 16.58
C LEU A 271 4.09 7.99 17.27
N ALA A 272 3.41 8.99 17.83
CA ALA A 272 2.16 8.74 18.50
C ALA A 272 1.13 8.24 17.49
N ASP A 273 1.06 8.85 16.33
CA ASP A 273 0.11 8.44 15.33
C ASP A 273 0.51 7.04 14.80
N ALA A 274 1.81 6.78 14.72
CA ALA A 274 2.31 5.51 14.24
C ALA A 274 1.95 4.36 15.19
N LEU A 275 1.89 4.65 16.48
CA LEU A 275 1.49 3.66 17.46
C LEU A 275 0.02 3.25 17.24
N GLU A 276 -0.86 4.22 17.00
CA GLU A 276 -2.29 3.94 16.64
CA GLU A 276 -2.26 3.87 16.73
C GLU A 276 -2.34 2.96 15.47
N ASP A 277 -1.56 3.25 14.41
CA ASP A 277 -1.55 2.41 13.20
C ASP A 277 -1.01 1.01 13.52
N ALA A 278 0.07 0.95 14.30
CA ALA A 278 0.62 -0.33 14.72
C ALA A 278 -0.36 -1.16 15.53
N LYS A 279 -1.10 -0.56 16.45
CA LYS A 279 -2.14 -1.28 17.19
C LYS A 279 -3.23 -1.89 16.29
N GLY A 280 -3.62 -1.18 15.23
CA GLY A 280 -4.59 -1.71 14.27
C GLY A 280 -4.04 -2.88 13.47
N ILE A 281 -2.80 -2.76 13.03
CA ILE A 281 -2.11 -3.89 12.42
C ILE A 281 -2.09 -5.10 13.35
N LEU A 282 -1.77 -4.89 14.62
CA LEU A 282 -1.77 -5.99 15.59
C LEU A 282 -3.15 -6.61 15.78
N ALA A 283 -4.18 -5.78 15.69
CA ALA A 283 -5.53 -6.30 15.74
C ALA A 283 -5.71 -7.28 14.61
N TYR A 284 -5.28 -6.94 13.39
CA TYR A 284 -5.43 -7.89 12.27
C TYR A 284 -4.58 -9.17 12.43
N LEU A 285 -3.31 -9.00 12.84
CA LEU A 285 -2.42 -10.15 13.04
C LEU A 285 -2.97 -11.05 14.15
N SER A 286 -3.54 -10.45 15.18
CA SER A 286 -4.20 -11.24 16.21
C SER A 286 -5.32 -12.08 15.60
N HIS A 287 -6.25 -11.41 14.95
CA HIS A 287 -7.40 -12.13 14.33
C HIS A 287 -6.95 -13.28 13.43
N ARG A 288 -5.82 -13.10 12.75
CA ARG A 288 -5.28 -14.14 11.88
C ARG A 288 -4.43 -15.18 12.59
N GLY A 289 -4.27 -15.08 13.90
CA GLY A 289 -3.48 -16.11 14.64
C GLY A 289 -1.96 -15.98 14.40
N VAL A 290 -1.48 -14.82 13.98
CA VAL A 290 -0.04 -14.62 13.81
C VAL A 290 0.59 -14.42 15.20
N ILE A 291 -0.16 -13.83 16.11
CA ILE A 291 0.27 -13.71 17.50
C ILE A 291 -0.70 -14.43 18.42
N ALA A 292 -0.27 -14.78 19.63
CA ALA A 292 -1.11 -15.58 20.54
C ALA A 292 -2.22 -14.76 21.21
N GLU A 293 -1.93 -13.50 21.48
CA GLU A 293 -2.86 -12.65 22.20
C GLU A 293 -4.05 -12.19 21.35
N LYS A 294 -5.17 -11.95 22.03
CA LYS A 294 -6.31 -11.28 21.47
C LYS A 294 -6.08 -9.78 21.57
N VAL A 295 -5.92 -9.11 20.43
CA VAL A 295 -5.84 -7.67 20.40
C VAL A 295 -7.06 -7.19 19.64
N ASN A 296 -7.92 -6.43 20.30
CA ASN A 296 -9.16 -5.97 19.67
C ASN A 296 -8.91 -4.77 18.74
N PRO A 297 -9.69 -4.68 17.65
CA PRO A 297 -9.65 -3.52 16.75
C PRO A 297 -10.09 -2.25 17.49
N ALA A 298 -9.67 -1.09 17.06
CA ALA A 298 -10.14 0.17 17.65
C ALA A 298 -11.62 0.38 17.32
N SER A 299 -12.31 1.11 18.20
CA SER A 299 -13.69 1.50 17.99
C SER A 299 -13.72 2.78 17.23
N MSE A 300 -14.24 2.75 16.01
CA MSE A 300 -14.34 3.96 15.20
C MSE A 300 -15.25 3.69 14.03
O MSE A 300 -15.39 2.56 13.62
CB MSE A 300 -12.96 4.42 14.67
CG MSE A 300 -12.20 3.34 13.93
SE MSE A 300 -10.42 3.90 13.23
CE MSE A 300 -10.92 3.99 11.46
N GLU A 301 -15.79 4.74 13.45
CA GLU A 301 -16.59 4.55 12.26
C GLU A 301 -15.70 4.26 11.08
N ARG A 302 -16.05 3.21 10.32
CA ARG A 302 -15.31 2.79 9.16
C ARG A 302 -16.20 2.82 7.91
N PHE A 303 -15.69 3.34 6.79
CA PHE A 303 -16.44 3.46 5.54
C PHE A 303 -15.62 2.91 4.38
N GLY A 304 -16.27 2.69 3.24
CA GLY A 304 -15.60 2.24 2.02
C GLY A 304 -16.27 2.78 0.77
N CYS A 305 -15.57 2.68 -0.38
CA CYS A 305 -16.17 2.81 -1.69
C CYS A 305 -15.45 1.89 -2.67
N TYR A 306 -16.10 1.58 -3.77
CA TYR A 306 -15.46 0.77 -4.80
C TYR A 306 -14.47 1.69 -5.51
N LEU A 307 -13.39 1.11 -6.04
CA LEU A 307 -12.31 1.85 -6.66
C LEU A 307 -12.80 2.76 -7.76
N LYS A 308 -13.73 2.25 -8.58
CA LYS A 308 -14.33 3.02 -9.68
C LYS A 308 -15.02 4.32 -9.22
N ASP A 309 -15.41 4.39 -7.95
CA ASP A 309 -16.02 5.58 -7.39
C ASP A 309 -15.03 6.57 -6.73
N TYR A 310 -13.73 6.27 -6.78
CA TYR A 310 -12.68 7.09 -6.17
C TYR A 310 -12.11 7.91 -7.33
N LYS A 311 -12.18 9.24 -7.24
CA LYS A 311 -12.01 10.11 -8.44
C LYS A 311 -10.96 11.15 -8.22
N LYS A 312 -10.22 11.43 -9.29
CA LYS A 312 -9.22 12.48 -9.28
C LYS A 312 -9.82 13.77 -9.81
N PHE A 313 -9.77 14.82 -9.02
CA PHE A 313 -10.20 16.15 -9.51
C PHE A 313 -8.97 16.95 -9.94
N HIS A 314 -8.92 17.30 -11.23
CA HIS A 314 -7.82 18.10 -11.81
C HIS A 314 -8.17 19.57 -11.82
N ALA A 315 -7.17 20.42 -11.61
CA ALA A 315 -7.36 21.85 -11.66
C ALA A 315 -8.04 22.24 -12.97
N PRO A 316 -9.18 22.93 -12.92
CA PRO A 316 -9.82 23.35 -14.17
C PRO A 316 -9.10 24.55 -14.79
N LYS A 317 -8.32 25.24 -14.01
CA LYS A 317 -7.41 26.31 -14.52
C LYS A 317 -6.20 26.43 -13.57
N ALA A 318 -5.15 27.10 -14.02
CA ALA A 318 -3.97 27.23 -13.24
C ALA A 318 -4.22 28.30 -12.16
N GLY A 319 -3.47 28.25 -11.07
CA GLY A 319 -3.42 29.37 -10.14
C GLY A 319 -2.80 29.00 -8.80
N LEU A 320 -3.05 29.83 -7.79
CA LEU A 320 -2.65 29.55 -6.43
C LEU A 320 -3.87 29.03 -5.67
N ILE A 321 -3.65 28.00 -4.87
CA ILE A 321 -4.70 27.21 -4.30
C ILE A 321 -4.78 27.23 -2.77
N GLU A 322 -5.98 27.56 -2.29
CA GLU A 322 -6.34 27.32 -0.91
CA GLU A 322 -6.39 27.37 -0.91
C GLU A 322 -7.24 26.09 -0.81
N TYR A 323 -6.79 25.12 -0.01
CA TYR A 323 -7.46 23.83 0.13
C TYR A 323 -8.48 23.98 1.25
N CYS A 324 -9.74 24.20 0.91
CA CYS A 324 -10.78 24.42 1.91
C CYS A 324 -11.30 23.13 2.52
N ALA A 325 -11.43 22.09 1.73
CA ALA A 325 -12.07 20.88 2.25
C ALA A 325 -11.05 20.08 3.01
N SER A 326 -11.37 19.75 4.25
CA SER A 326 -10.53 18.88 5.08
C SER A 326 -10.51 17.43 4.62
N VAL A 327 -9.33 16.83 4.58
CA VAL A 327 -9.24 15.42 4.23
C VAL A 327 -9.89 14.56 5.31
N GLY A 328 -10.58 13.50 4.91
CA GLY A 328 -11.21 12.61 5.86
C GLY A 328 -12.57 13.03 6.38
N GLU A 329 -13.14 14.15 5.92
CA GLU A 329 -14.45 14.67 6.37
CA GLU A 329 -14.45 14.60 6.39
C GLU A 329 -15.42 14.71 5.19
N PRO A 330 -16.69 14.33 5.39
CA PRO A 330 -17.67 14.48 4.30
C PRO A 330 -17.81 15.90 3.76
N LEU A 331 -17.97 16.00 2.45
CA LEU A 331 -18.16 17.29 1.77
C LEU A 331 -19.45 17.23 0.96
N THR A 332 -20.47 17.89 1.48
CA THR A 332 -21.75 18.02 0.81
C THR A 332 -21.56 18.74 -0.50
N ALA A 333 -22.22 18.24 -1.53
CA ALA A 333 -22.24 18.85 -2.87
C ALA A 333 -22.47 20.35 -2.76
N GLY A 334 -21.66 21.13 -3.47
CA GLY A 334 -21.82 22.57 -3.42
C GLY A 334 -20.95 23.26 -2.39
N LYS A 335 -20.48 22.56 -1.37
CA LYS A 335 -19.52 23.19 -0.43
C LYS A 335 -18.12 23.28 -1.06
N PRO A 336 -17.36 24.36 -0.76
CA PRO A 336 -16.13 24.59 -1.51
C PRO A 336 -15.05 23.52 -1.26
N LEU A 337 -14.48 23.04 -2.35
CA LEU A 337 -13.35 22.15 -2.31
C LEU A 337 -12.05 22.96 -2.24
N VAL A 338 -11.85 23.88 -3.21
CA VAL A 338 -10.72 24.82 -3.19
C VAL A 338 -11.19 26.23 -3.56
N ASN A 339 -10.40 27.22 -3.18
CA ASN A 339 -10.47 28.54 -3.78
C ASN A 339 -9.23 28.72 -4.64
N ILE A 340 -9.40 29.26 -5.85
CA ILE A 340 -8.28 29.59 -6.70
C ILE A 340 -8.07 31.09 -6.70
N LEU A 341 -6.85 31.50 -6.36
CA LEU A 341 -6.43 32.88 -6.39
C LEU A 341 -5.66 33.10 -7.69
N ARG A 342 -6.06 34.12 -8.44
CA ARG A 342 -5.35 34.55 -9.63
C ARG A 342 -5.03 36.05 -9.52
N ILE A 343 -3.91 36.33 -8.87
CA ILE A 343 -3.52 37.69 -8.58
C ILE A 343 -3.09 38.46 -9.83
N ASP A 344 -2.86 37.71 -10.91
CA ASP A 344 -2.62 38.29 -12.23
C ASP A 344 -3.87 38.86 -12.88
N LEU A 345 -5.02 38.62 -12.27
CA LEU A 345 -6.30 39.05 -12.84
C LEU A 345 -7.09 39.96 -11.88
N TYR A 346 -6.37 40.57 -10.93
CA TYR A 346 -7.01 41.49 -9.95
C TYR A 346 -7.77 42.55 -10.69
N GLY A 347 -8.94 42.89 -10.20
CA GLY A 347 -9.83 43.84 -10.88
C GLY A 347 -11.00 43.13 -11.50
N SER A 348 -10.90 41.82 -11.66
CA SER A 348 -11.93 40.95 -12.25
C SER A 348 -12.49 40.03 -11.22
N GLU A 349 -13.64 39.49 -11.59
CA GLU A 349 -14.25 38.37 -10.90
C GLU A 349 -13.35 37.11 -10.95
N GLN A 350 -12.50 36.99 -11.97
CA GLN A 350 -11.60 35.84 -12.17
CA GLN A 350 -11.65 35.81 -12.10
C GLN A 350 -10.47 35.76 -11.13
N ALA A 351 -10.26 36.85 -10.36
CA ALA A 351 -9.17 36.91 -9.39
C ALA A 351 -9.29 35.89 -8.24
N TYR A 352 -10.52 35.55 -7.88
CA TYR A 352 -10.78 34.66 -6.77
C TYR A 352 -12.02 33.85 -7.07
N GLN A 353 -11.93 32.53 -6.99
CA GLN A 353 -13.02 31.67 -7.45
C GLN A 353 -13.10 30.48 -6.52
N ALA A 354 -14.29 30.26 -5.95
CA ALA A 354 -14.62 29.07 -5.17
C ALA A 354 -14.93 27.96 -6.13
N ILE A 355 -14.37 26.78 -5.93
CA ILE A 355 -14.67 25.64 -6.79
C ILE A 355 -15.33 24.58 -5.92
N SER A 356 -16.52 24.09 -6.31
CA SER A 356 -17.19 22.99 -5.59
C SER A 356 -17.46 21.82 -6.53
N LEU A 357 -17.96 20.71 -5.98
CA LEU A 357 -18.26 19.50 -6.76
C LEU A 357 -19.76 19.30 -6.83
N PRO A 358 -20.25 18.66 -7.90
CA PRO A 358 -21.72 18.47 -8.06
C PRO A 358 -22.34 17.30 -7.26
N MSE A 359 -21.54 16.44 -6.65
CA MSE A 359 -22.05 15.34 -5.81
C MSE A 359 -21.38 15.37 -4.42
O MSE A 359 -20.31 15.98 -4.24
CB MSE A 359 -21.78 14.00 -6.51
CG MSE A 359 -20.34 13.45 -6.37
SE MSE A 359 -18.99 14.45 -7.35
CE MSE A 359 -19.67 13.76 -9.10
N ASP A 360 -22.00 14.72 -3.45
CA ASP A 360 -21.39 14.55 -2.14
C ASP A 360 -20.15 13.67 -2.26
N CYS A 361 -19.13 13.97 -1.48
CA CYS A 361 -17.94 13.14 -1.51
C CYS A 361 -17.27 13.15 -0.16
N VAL A 362 -16.28 12.28 0.00
CA VAL A 362 -15.31 12.38 1.10
C VAL A 362 -13.95 12.63 0.47
N PRO A 363 -13.43 13.87 0.57
CA PRO A 363 -12.10 14.11 0.07
C PRO A 363 -11.07 13.33 0.88
N ILE A 364 -10.15 12.63 0.17
CA ILE A 364 -9.18 11.76 0.86
C ILE A 364 -7.81 12.40 0.97
N LEU A 365 -7.35 13.02 -0.11
CA LEU A 365 -6.03 13.62 -0.16
C LEU A 365 -6.04 14.78 -1.13
N HIS A 366 -5.09 15.68 -0.92
CA HIS A 366 -4.86 16.75 -1.88
C HIS A 366 -3.39 16.98 -2.17
N PHE A 367 -3.14 17.77 -3.22
CA PHE A 367 -1.82 18.12 -3.71
C PHE A 367 -1.03 18.88 -2.65
N ALA A 368 0.27 18.58 -2.57
CA ALA A 368 1.14 19.11 -1.51
C ALA A 368 1.65 20.52 -1.77
N SER A 369 1.41 21.08 -2.93
CA SER A 369 1.87 22.45 -3.20
C SER A 369 0.65 23.35 -3.43
N ALA A 370 0.83 24.66 -3.28
CA ALA A 370 -0.25 25.61 -3.43
C ALA A 370 -0.21 26.29 -4.78
N SER A 371 0.73 25.94 -5.67
CA SER A 371 0.70 26.47 -7.05
C SER A 371 0.51 25.34 -8.05
N VAL A 372 -0.48 25.48 -8.91
CA VAL A 372 -0.83 24.42 -9.85
C VAL A 372 -0.97 24.92 -11.29
N LEU A 373 -0.89 23.98 -12.22
CA LEU A 373 -1.15 24.24 -13.60
C LEU A 373 -2.56 23.79 -13.91
N GLN A 374 -3.05 24.15 -15.09
CA GLN A 374 -4.23 23.51 -15.60
C GLN A 374 -3.92 22.02 -15.74
N GLY A 375 -4.83 21.22 -15.19
CA GLY A 375 -4.66 19.77 -15.11
C GLY A 375 -3.91 19.19 -13.90
N THR A 376 -3.24 20.00 -13.07
CA THR A 376 -2.60 19.42 -11.91
C THR A 376 -3.70 18.72 -11.06
N GLU A 377 -3.40 17.54 -10.51
CA GLU A 377 -4.32 16.84 -9.59
C GLU A 377 -4.49 17.67 -8.32
N LEU A 378 -5.72 18.02 -7.95
CA LEU A 378 -5.95 18.85 -6.75
C LEU A 378 -6.30 17.95 -5.59
N TYR A 379 -7.32 17.12 -5.78
CA TYR A 379 -7.77 16.16 -4.80
C TYR A 379 -8.08 14.80 -5.42
N LYS A 380 -8.07 13.78 -4.56
CA LYS A 380 -8.80 12.55 -4.82
C LYS A 380 -9.92 12.43 -3.80
N VAL A 381 -11.12 12.12 -4.27
CA VAL A 381 -12.28 12.10 -3.43
C VAL A 381 -13.06 10.78 -3.66
N MSE A 382 -13.64 10.25 -2.59
CA MSE A 382 -14.48 9.07 -2.68
C MSE A 382 -15.91 9.54 -2.89
O MSE A 382 -16.36 10.51 -2.26
CB MSE A 382 -14.40 8.25 -1.39
CG MSE A 382 -13.08 7.65 -1.10
SE MSE A 382 -13.27 6.65 0.55
CE MSE A 382 -11.66 5.63 0.49
N THR A 383 -16.61 8.82 -3.75
CA THR A 383 -18.03 9.06 -3.97
C THR A 383 -18.78 7.75 -3.70
N ASN A 384 -20.10 7.81 -3.54
CA ASN A 384 -20.89 6.62 -3.26
C ASN A 384 -20.30 5.83 -2.07
N VAL A 385 -20.02 6.57 -0.99
CA VAL A 385 -19.40 6.02 0.20
C VAL A 385 -20.50 5.35 1.03
N PHE A 386 -20.13 4.31 1.75
CA PHE A 386 -21.03 3.58 2.64
C PHE A 386 -20.30 3.04 3.86
N PRO A 387 -21.01 2.82 4.98
CA PRO A 387 -20.39 2.16 6.13
C PRO A 387 -19.98 0.73 5.80
N LEU A 388 -18.79 0.32 6.24
CA LEU A 388 -18.30 -1.05 6.05
C LEU A 388 -19.07 -1.98 6.93
N GLN A 389 -19.40 -1.48 8.12
CA GLN A 389 -19.82 -2.30 9.24
C GLN A 389 -21.09 -1.73 9.87
N PRO A 390 -22.13 -1.50 9.03
CA PRO A 390 -23.28 -0.67 9.44
C PRO A 390 -23.82 -1.10 10.80
N SER A 391 -23.99 -0.13 11.70
CA SER A 391 -24.45 -0.40 13.07
C SER A 391 -25.18 0.81 13.67
O1 UNL B . -0.12 7.33 -5.16
O2 UNL B . -0.04 7.24 -3.64
O3 UNL B . -1.34 7.68 -2.91
O4 UNL B . -2.63 7.74 -3.89
O5 UNL B . -3.91 7.37 -3.08
O6 UNL B . -3.74 6.96 -1.87
O7 UNL B . -5.03 7.50 -3.64
O8 UNL B . 0.56 5.98 -2.90
O9 UNL B . 1.43 6.33 -2.15
O10 UNL B . 0.26 4.79 -2.89
O11 UNL B . 1.38 8.50 -1.95
O12 UNL B . 1.78 10.51 -1.84
ZN ZN C . 3.04 5.31 -2.03
S SO4 D . -4.52 10.95 -14.66
O1 SO4 D . -4.66 9.82 -13.72
O2 SO4 D . -4.36 12.20 -13.90
O3 SO4 D . -3.36 10.71 -15.53
O4 SO4 D . -5.74 11.01 -15.47
#